data_5UQK
#
_entry.id   5UQK
#
_cell.length_a   142.810
_cell.length_b   142.810
_cell.length_c   66.074
_cell.angle_alpha   90.00
_cell.angle_beta   90.00
_cell.angle_gamma   120.00
#
_symmetry.space_group_name_H-M   'P 65'
#
loop_
_entity.id
_entity.type
_entity.pdbx_description
1 polymer 'Toxin A'
2 non-polymer "URIDINE-5'-DIPHOSPHATE-2-DEOXY-2-FLUORO-ALPHA-D-GLUCOSE"
3 non-polymer 'MANGANESE (II) ION'
4 water water
#
_entity_poly.entity_id   1
_entity_poly.type   'polypeptide(L)'
_entity_poly.pdbx_seq_one_letter_code
;MSLISKEELIKLAYSIRPRENEYKTILTNLDEYNKLTTNNNENKYLQLKKLNESIDVFMNKYKTSSRNRALSNLKKDILK
EVILIKNSNTSPVEKNLHFVWIGGEVSDIALEYIKQWADINAEYNIKLWYDSEAFLVNTLKKAIVESSTTEALQLLEEEI
QNPQFDNMKFYKKRMEFIYDRQKRFINYYKSQINKPTVPTIDDIIKSHLVSEYNRDETVLESYRTNSLRKINSNHGIDIR
ANSLFTEQELLNIYSQELLNRGNLAAASDIVRLLALKNFGGVYLDVDMLPGIHSDLFKTISRPSSIGLDRWEMIKLEAIM
KYKKYINNYTSENFDKLDQQLKDNFKLIIESKSEKSEIFSKLENLNVSDLEIKIAFALGSVINQALISKQGSYLTNLVIE
QVKNRYQFLNQHLNPAIESDNNFTDTTKIFHDSLFNSATAENSMFLTKIAPYLQVGFMPEARSTISLSGPGAYASAYYDF
INLQENTIEKTLKASDLIEFKFPENNLSQLTEQEINSLWSFDQASAKYQFEKYVRDYTGGSLSEPHAGLRGSHHHHHH
;
_entity_poly.pdbx_strand_id   A
#
loop_
_chem_comp.id
_chem_comp.type
_chem_comp.name
_chem_comp.formula
MN non-polymer 'MANGANESE (II) ION' 'Mn 2'
U2F non-polymer URIDINE-5'-DIPHOSPHATE-2-DEOXY-2-FLUORO-ALPHA-D-GLUCOSE 'C15 H23 F N2 O16 P2'
#
# COMPACT_ATOMS: atom_id res chain seq x y z
N SER A 2 -33.92 -10.62 -4.96
CA SER A 2 -33.57 -11.95 -4.34
C SER A 2 -33.05 -12.92 -5.45
N LEU A 3 -32.30 -13.99 -5.12
CA LEU A 3 -31.92 -15.01 -6.14
C LEU A 3 -33.19 -15.81 -6.47
N ILE A 4 -33.16 -16.34 -7.67
CA ILE A 4 -34.21 -17.26 -8.10
C ILE A 4 -34.37 -18.37 -7.08
N SER A 5 -35.59 -18.80 -6.91
CA SER A 5 -35.89 -19.87 -6.00
C SER A 5 -35.51 -21.20 -6.61
N LYS A 6 -35.42 -22.22 -5.77
CA LYS A 6 -35.15 -23.55 -6.22
C LYS A 6 -36.22 -24.00 -7.22
N GLU A 7 -37.50 -23.76 -6.95
CA GLU A 7 -38.53 -24.12 -7.88
C GLU A 7 -38.42 -23.40 -9.22
N GLU A 8 -38.10 -22.11 -9.23
CA GLU A 8 -37.91 -21.39 -10.45
C GLU A 8 -36.74 -21.98 -11.24
N LEU A 9 -35.62 -22.27 -10.60
CA LEU A 9 -34.51 -22.88 -11.32
C LEU A 9 -34.89 -24.23 -11.91
N ILE A 10 -35.65 -25.04 -11.20
CA ILE A 10 -36.09 -26.30 -11.73
C ILE A 10 -36.90 -26.06 -13.01
N LYS A 11 -37.81 -25.11 -13.01
CA LYS A 11 -38.53 -24.79 -14.21
C LYS A 11 -37.65 -24.31 -15.34
N LEU A 12 -36.75 -23.38 -15.07
CA LEU A 12 -35.85 -22.86 -16.07
C LEU A 12 -34.87 -23.84 -16.66
N ALA A 13 -34.28 -24.67 -15.83
CA ALA A 13 -33.38 -25.64 -16.32
C ALA A 13 -34.00 -27.01 -16.62
N TYR A 14 -35.33 -27.14 -16.70
CA TYR A 14 -35.96 -28.39 -16.86
C TYR A 14 -35.49 -29.02 -18.16
N SER A 15 -35.24 -30.33 -18.14
CA SER A 15 -34.79 -31.07 -19.33
C SER A 15 -35.33 -32.50 -19.41
N ILE A 16 -35.38 -33.07 -20.62
CA ILE A 16 -35.86 -34.44 -20.80
C ILE A 16 -35.05 -35.42 -19.96
N ARG A 17 -33.79 -35.00 -19.49
CA ARG A 17 -32.84 -35.87 -18.81
C ARG A 17 -33.07 -35.88 -17.29
N PRO A 18 -32.79 -37.01 -16.63
CA PRO A 18 -32.80 -37.02 -15.15
C PRO A 18 -31.81 -36.04 -14.53
N ARG A 19 -32.13 -35.58 -13.34
CA ARG A 19 -31.27 -34.67 -12.64
C ARG A 19 -30.00 -35.35 -12.23
N GLU A 20 -28.87 -34.75 -12.55
CA GLU A 20 -27.59 -35.24 -12.18
C GLU A 20 -27.38 -34.98 -10.71
N ASN A 21 -26.54 -35.77 -10.07
CA ASN A 21 -26.27 -35.57 -8.67
C ASN A 21 -25.68 -34.16 -8.39
N GLU A 22 -24.80 -33.68 -9.22
CA GLU A 22 -24.26 -32.38 -9.09
C GLU A 22 -25.36 -31.30 -9.21
N TYR A 23 -26.35 -31.48 -10.07
CA TYR A 23 -27.47 -30.56 -10.15
C TYR A 23 -28.29 -30.54 -8.87
N LYS A 24 -28.57 -31.69 -8.28
CA LYS A 24 -29.30 -31.73 -7.02
C LYS A 24 -28.53 -30.97 -5.93
N THR A 25 -27.22 -31.08 -5.87
CA THR A 25 -26.45 -30.32 -4.93
C THR A 25 -26.61 -28.81 -5.15
N ILE A 26 -26.60 -28.36 -6.39
CA ILE A 26 -26.82 -26.96 -6.67
C ILE A 26 -28.18 -26.51 -6.16
N LEU A 27 -29.22 -27.30 -6.42
CA LEU A 27 -30.53 -26.93 -5.96
C LEU A 27 -30.58 -26.82 -4.46
N THR A 28 -29.99 -27.75 -3.73
CA THR A 28 -29.94 -27.66 -2.30
C THR A 28 -29.18 -26.44 -1.82
N ASN A 29 -28.03 -26.14 -2.38
CA ASN A 29 -27.29 -24.98 -2.00
C ASN A 29 -28.06 -23.69 -2.24
N LEU A 30 -28.75 -23.58 -3.37
CA LEU A 30 -29.55 -22.44 -3.64
C LEU A 30 -30.70 -22.26 -2.66
N ASP A 31 -31.42 -23.33 -2.43
CA ASP A 31 -32.51 -23.28 -1.49
C ASP A 31 -31.99 -22.89 -0.10
N GLU A 32 -30.89 -23.46 0.35
CA GLU A 32 -30.32 -23.07 1.62
C GLU A 32 -29.93 -21.61 1.65
N TYR A 33 -29.36 -21.05 0.60
CA TYR A 33 -29.11 -19.64 0.59
C TYR A 33 -30.42 -18.83 0.69
N ASN A 34 -31.40 -19.19 -0.10
CA ASN A 34 -32.65 -18.50 -0.08
C ASN A 34 -33.34 -18.57 1.29
N LYS A 35 -33.26 -19.67 1.99
CA LYS A 35 -33.86 -19.80 3.29
C LYS A 35 -33.04 -19.27 4.47
N LEU A 36 -31.91 -18.57 4.26
CA LEU A 36 -31.15 -18.15 5.38
C LEU A 36 -31.88 -17.15 6.21
N THR A 37 -32.12 -17.53 7.47
CA THR A 37 -32.72 -16.66 8.48
C THR A 37 -31.83 -15.49 8.99
N THR A 38 -30.53 -15.76 9.20
CA THR A 38 -29.59 -14.78 9.74
C THR A 38 -29.25 -13.60 8.82
N ASN A 39 -28.85 -12.50 9.45
CA ASN A 39 -28.51 -11.27 8.79
C ASN A 39 -27.02 -10.98 8.86
N ASN A 40 -26.22 -11.99 9.07
CA ASN A 40 -24.78 -11.83 9.12
C ASN A 40 -24.24 -11.85 7.68
N ASN A 41 -23.60 -10.75 7.27
CA ASN A 41 -23.12 -10.61 5.90
C ASN A 41 -22.14 -11.72 5.52
N GLU A 42 -21.25 -12.04 6.42
CA GLU A 42 -20.26 -13.06 6.15
C GLU A 42 -20.85 -14.40 5.87
N ASN A 43 -21.84 -14.81 6.66
CA ASN A 43 -22.52 -16.04 6.40
C ASN A 43 -23.24 -16.07 5.06
N LYS A 44 -23.89 -15.01 4.67
CA LYS A 44 -24.49 -14.96 3.38
C LYS A 44 -23.43 -15.11 2.26
N TYR A 45 -22.31 -14.41 2.37
CA TYR A 45 -21.28 -14.51 1.37
C TYR A 45 -20.71 -15.89 1.26
N LEU A 46 -20.44 -16.53 2.38
CA LEU A 46 -19.93 -17.86 2.34
C LEU A 46 -20.89 -18.84 1.71
N GLN A 47 -22.17 -18.75 2.01
CA GLN A 47 -23.12 -19.64 1.39
C GLN A 47 -23.21 -19.36 -0.10
N LEU A 48 -23.03 -18.10 -0.51
CA LEU A 48 -23.02 -17.75 -1.96
C LEU A 48 -21.87 -18.50 -2.69
N LYS A 49 -20.67 -18.34 -2.14
CA LYS A 49 -19.48 -19.03 -2.51
C LYS A 49 -19.63 -20.51 -2.63
N LYS A 50 -20.27 -21.13 -1.65
CA LYS A 50 -20.51 -22.54 -1.70
C LYS A 50 -21.43 -22.89 -2.90
N LEU A 51 -22.47 -22.12 -3.10
CA LEU A 51 -23.31 -22.33 -4.23
C LEU A 51 -22.57 -22.11 -5.57
N ASN A 52 -21.81 -21.04 -5.69
CA ASN A 52 -21.10 -20.77 -6.92
C ASN A 52 -20.13 -21.91 -7.26
N GLU A 53 -19.44 -22.40 -6.26
CA GLU A 53 -18.54 -23.51 -6.46
C GLU A 53 -19.28 -24.73 -6.94
N SER A 54 -20.42 -25.07 -6.39
CA SER A 54 -21.17 -26.20 -6.88
C SER A 54 -21.61 -26.04 -8.33
N ILE A 55 -21.99 -24.85 -8.77
CA ILE A 55 -22.34 -24.64 -10.15
C ILE A 55 -21.13 -24.92 -11.07
N ASP A 56 -19.96 -24.45 -10.72
CA ASP A 56 -18.79 -24.70 -11.49
C ASP A 56 -18.50 -26.19 -11.60
N VAL A 57 -18.70 -26.98 -10.54
CA VAL A 57 -18.50 -28.40 -10.63
C VAL A 57 -19.44 -29.01 -11.67
N PHE A 58 -20.71 -28.65 -11.69
CA PHE A 58 -21.59 -29.19 -12.69
C PHE A 58 -21.21 -28.75 -14.10
N MET A 59 -20.93 -27.47 -14.32
CA MET A 59 -20.61 -26.99 -15.64
C MET A 59 -19.36 -27.59 -16.24
N ASN A 60 -18.31 -27.74 -15.46
CA ASN A 60 -17.12 -28.40 -15.91
C ASN A 60 -17.34 -29.87 -16.24
N LYS A 61 -18.10 -30.58 -15.45
CA LYS A 61 -18.43 -31.96 -15.71
C LYS A 61 -19.35 -32.24 -16.89
N TYR A 62 -20.37 -31.45 -17.10
CA TYR A 62 -21.29 -31.69 -18.17
C TYR A 62 -21.27 -30.47 -19.06
N LYS A 63 -20.27 -30.39 -19.89
CA LYS A 63 -20.07 -29.23 -20.70
C LYS A 63 -21.11 -28.91 -21.75
N THR A 64 -21.87 -29.88 -22.19
CA THR A 64 -22.89 -29.71 -23.21
C THR A 64 -24.31 -29.73 -22.64
N SER A 65 -24.43 -29.70 -21.34
CA SER A 65 -25.71 -29.81 -20.75
C SER A 65 -26.63 -28.70 -21.16
N SER A 66 -27.89 -29.02 -21.40
CA SER A 66 -28.90 -28.01 -21.63
C SER A 66 -29.11 -27.10 -20.41
N ARG A 67 -28.87 -27.54 -19.18
CA ARG A 67 -28.95 -26.71 -18.00
C ARG A 67 -27.93 -25.55 -17.90
N ASN A 68 -26.85 -25.55 -18.66
CA ASN A 68 -25.85 -24.55 -18.54
C ASN A 68 -26.31 -23.12 -18.79
N ARG A 69 -27.25 -22.92 -19.69
CA ARG A 69 -27.68 -21.57 -19.89
C ARG A 69 -28.29 -21.00 -18.62
N ALA A 70 -29.19 -21.72 -17.97
CA ALA A 70 -29.73 -21.24 -16.73
C ALA A 70 -28.67 -21.12 -15.64
N LEU A 71 -27.80 -22.10 -15.52
CA LEU A 71 -26.76 -22.07 -14.53
C LEU A 71 -25.80 -20.95 -14.78
N SER A 72 -25.57 -20.59 -16.06
CA SER A 72 -24.72 -19.42 -16.41
C SER A 72 -25.32 -18.06 -15.94
N ASN A 73 -26.62 -17.87 -16.21
CA ASN A 73 -27.43 -16.82 -15.69
C ASN A 73 -27.41 -16.76 -14.19
N LEU A 74 -27.52 -17.89 -13.52
CA LEU A 74 -27.46 -17.89 -12.08
C LEU A 74 -26.11 -17.38 -11.58
N LYS A 75 -25.00 -17.74 -12.21
CA LYS A 75 -23.70 -17.24 -11.82
C LYS A 75 -23.66 -15.74 -11.96
N LYS A 76 -24.20 -15.18 -13.04
CA LYS A 76 -24.26 -13.75 -13.18
C LYS A 76 -25.08 -13.08 -12.07
N ASP A 77 -26.22 -13.66 -11.71
CA ASP A 77 -27.01 -13.16 -10.62
C ASP A 77 -26.24 -13.25 -9.30
N ILE A 78 -25.47 -14.30 -9.08
CA ILE A 78 -24.68 -14.41 -7.90
C ILE A 78 -23.64 -13.28 -7.77
N LEU A 79 -23.01 -12.90 -8.88
CA LEU A 79 -22.06 -11.80 -8.87
C LEU A 79 -22.74 -10.49 -8.44
N LYS A 80 -23.94 -10.21 -8.95
CA LYS A 80 -24.70 -9.02 -8.53
C LYS A 80 -25.08 -9.04 -7.03
N GLU A 81 -25.43 -10.20 -6.47
CA GLU A 81 -25.80 -10.31 -5.07
C GLU A 81 -24.70 -9.88 -4.09
N VAL A 82 -23.42 -10.16 -4.38
CA VAL A 82 -22.35 -9.75 -3.46
C VAL A 82 -22.41 -8.23 -3.34
N ILE A 83 -22.60 -7.54 -4.46
CA ILE A 83 -22.77 -6.09 -4.42
C ILE A 83 -23.94 -5.73 -3.51
N LEU A 84 -25.11 -6.30 -3.81
CA LEU A 84 -26.31 -6.06 -3.00
C LEU A 84 -26.03 -6.33 -1.52
N ILE A 85 -25.51 -7.51 -1.21
CA ILE A 85 -25.18 -7.88 0.16
C ILE A 85 -24.28 -6.83 0.78
N LYS A 86 -23.21 -6.46 0.07
CA LYS A 86 -22.32 -5.46 0.54
C LYS A 86 -22.99 -4.11 0.73
N ASN A 87 -23.90 -3.71 -0.13
CA ASN A 87 -24.54 -2.46 0.01
C ASN A 87 -25.80 -2.42 0.87
N SER A 88 -26.31 -3.56 1.27
CA SER A 88 -27.53 -3.59 2.11
C SER A 88 -27.53 -3.29 3.66
N ASN A 89 -26.51 -3.74 4.35
CA ASN A 89 -26.40 -3.47 5.74
C ASN A 89 -25.13 -2.65 5.79
N THR A 90 -25.25 -1.37 6.14
CA THR A 90 -24.11 -0.45 6.21
C THR A 90 -24.24 0.47 7.42
N SER A 91 -23.11 1.02 7.87
CA SER A 91 -23.13 1.90 9.04
C SER A 91 -21.77 2.58 9.16
N PRO A 92 -21.65 3.58 10.02
CA PRO A 92 -20.40 4.37 10.06
C PRO A 92 -19.19 3.55 10.48
N VAL A 93 -18.08 3.79 9.80
CA VAL A 93 -16.83 3.19 10.21
C VAL A 93 -16.40 3.79 11.54
N GLU A 94 -15.62 3.02 12.31
CA GLU A 94 -14.98 3.54 13.52
C GLU A 94 -14.29 4.88 13.24
N LYS A 95 -14.40 5.79 14.19
CA LYS A 95 -13.85 7.11 14.01
C LYS A 95 -12.41 7.24 14.39
N ASN A 96 -11.59 6.55 13.64
CA ASN A 96 -10.13 6.54 13.81
C ASN A 96 -9.49 7.00 12.51
N LEU A 97 -8.53 7.92 12.59
CA LEU A 97 -7.65 8.23 11.46
C LEU A 97 -6.28 7.66 11.78
N HIS A 98 -5.86 6.64 11.03
CA HIS A 98 -4.55 6.04 11.17
C HIS A 98 -3.56 6.64 10.18
N PHE A 99 -2.42 7.07 10.70
CA PHE A 99 -1.23 7.44 9.95
C PHE A 99 -0.07 6.57 10.44
N VAL A 100 0.98 6.43 9.63
CA VAL A 100 2.15 5.65 10.02
C VAL A 100 3.41 6.45 9.67
N TRP A 101 4.32 6.62 10.64
CA TRP A 101 5.66 7.09 10.33
C TRP A 101 6.67 6.31 11.17
N ILE A 102 7.37 5.41 10.53
CA ILE A 102 8.35 4.53 11.14
C ILE A 102 9.73 4.85 10.57
N GLY A 103 10.77 4.68 11.40
CA GLY A 103 12.13 4.63 10.89
C GLY A 103 12.94 5.89 11.07
N GLY A 104 12.36 6.90 11.70
CA GLY A 104 13.04 8.18 11.86
C GLY A 104 12.10 9.22 12.42
N GLU A 105 12.63 10.44 12.53
CA GLU A 105 11.84 11.58 13.02
C GLU A 105 10.71 11.91 12.05
N VAL A 106 9.48 12.02 12.58
CA VAL A 106 8.38 12.49 11.75
C VAL A 106 8.62 13.95 11.39
N SER A 107 8.42 14.28 10.12
CA SER A 107 8.73 15.62 9.65
C SER A 107 7.65 16.62 10.06
N ASP A 108 8.05 17.86 10.14
CA ASP A 108 7.13 18.93 10.43
C ASP A 108 6.07 19.01 9.32
N ILE A 109 6.45 18.90 8.06
CA ILE A 109 5.51 18.93 6.99
C ILE A 109 4.46 17.83 7.12
N ALA A 110 4.84 16.62 7.51
CA ALA A 110 3.86 15.60 7.73
C ALA A 110 2.89 15.99 8.83
N LEU A 111 3.39 16.56 9.92
CA LEU A 111 2.55 17.02 10.98
C LEU A 111 1.58 18.11 10.50
N GLU A 112 2.00 19.01 9.64
CA GLU A 112 1.10 19.99 9.13
C GLU A 112 -0.02 19.34 8.35
N TYR A 113 0.26 18.38 7.48
CA TYR A 113 -0.81 17.73 6.78
C TYR A 113 -1.72 17.02 7.74
N ILE A 114 -1.21 16.30 8.70
CA ILE A 114 -2.03 15.59 9.63
C ILE A 114 -2.93 16.51 10.44
N LYS A 115 -2.42 17.74 10.64
CA LYS A 115 -3.11 18.84 11.35
C LYS A 115 -4.40 19.29 10.63
N GLN A 116 -4.35 19.44 9.30
CA GLN A 116 -5.57 19.66 8.58
C GLN A 116 -6.66 18.66 8.87
N TRP A 117 -6.34 17.37 8.88
CA TRP A 117 -7.32 16.37 9.18
C TRP A 117 -7.82 16.47 10.61
N ALA A 118 -6.94 16.73 11.54
CA ALA A 118 -7.36 16.85 12.90
C ALA A 118 -8.31 18.00 13.14
N ASP A 119 -8.03 19.17 12.58
CA ASP A 119 -8.87 20.34 12.74
C ASP A 119 -10.26 20.17 12.18
N ILE A 120 -10.36 19.67 10.98
CA ILE A 120 -11.64 19.37 10.38
C ILE A 120 -12.40 18.24 11.04
N ASN A 121 -11.76 17.24 11.64
CA ASN A 121 -12.46 16.13 12.18
C ASN A 121 -12.13 15.85 13.62
N ALA A 122 -12.57 16.75 14.50
CA ALA A 122 -12.30 16.64 15.92
C ALA A 122 -12.85 15.41 16.58
N GLU A 123 -13.98 14.89 16.16
CA GLU A 123 -14.46 13.68 16.73
C GLU A 123 -13.62 12.42 16.41
N TYR A 124 -12.79 12.40 15.37
CA TYR A 124 -11.96 11.25 15.08
C TYR A 124 -10.73 11.21 15.96
N ASN A 125 -10.33 10.02 16.39
CA ASN A 125 -9.11 9.93 17.20
C ASN A 125 -7.88 9.59 16.34
N ILE A 126 -6.99 10.56 16.15
CA ILE A 126 -5.78 10.40 15.43
C ILE A 126 -4.84 9.43 16.12
N LYS A 127 -4.40 8.44 15.37
CA LYS A 127 -3.36 7.42 15.70
CA LYS A 127 -3.36 7.42 15.70
C LYS A 127 -1.95 7.43 14.86
N LEU A 128 -0.91 8.12 15.19
CA LEU A 128 0.24 8.15 14.36
C LEU A 128 1.12 6.98 14.82
N TRP A 129 1.03 5.87 14.12
CA TRP A 129 1.77 4.69 14.47
C TRP A 129 3.27 4.84 14.21
N TYR A 130 4.09 4.34 15.14
CA TYR A 130 5.53 4.40 15.01
C TYR A 130 6.16 3.20 15.72
N ASP A 131 7.44 2.96 15.50
CA ASP A 131 8.14 1.87 16.16
C ASP A 131 9.15 2.50 17.11
N SER A 132 8.95 2.35 18.39
CA SER A 132 9.81 2.95 19.41
C SER A 132 11.24 2.44 19.45
N GLU A 133 11.44 1.21 19.00
CA GLU A 133 12.79 0.74 18.77
CA GLU A 133 12.79 0.73 18.77
C GLU A 133 13.65 0.98 17.44
N ALA A 134 13.08 1.63 16.45
CA ALA A 134 13.60 1.73 15.14
C ALA A 134 13.72 3.12 14.56
N PHE A 135 13.96 4.15 15.36
CA PHE A 135 14.13 5.48 14.87
C PHE A 135 15.38 5.68 13.96
N LEU A 136 16.42 4.85 14.09
CA LEU A 136 17.59 4.96 13.30
C LEU A 136 17.67 4.16 11.97
N VAL A 137 16.61 3.48 11.54
CA VAL A 137 16.65 2.72 10.32
C VAL A 137 16.90 3.58 9.09
N ASN A 138 16.26 4.71 8.99
CA ASN A 138 16.54 5.62 7.90
C ASN A 138 17.98 6.12 7.91
N THR A 139 18.50 6.40 9.07
CA THR A 139 19.85 6.87 9.15
C THR A 139 20.79 5.81 8.62
N LEU A 140 20.60 4.56 8.99
CA LEU A 140 21.43 3.50 8.48
C LEU A 140 21.34 3.28 6.97
N LYS A 141 20.14 3.28 6.43
CA LYS A 141 19.96 3.06 5.03
C LYS A 141 20.63 4.11 4.22
N LYS A 142 20.61 5.34 4.73
CA LYS A 142 21.30 6.49 4.11
C LYS A 142 22.82 6.27 4.10
N ALA A 143 23.41 6.01 5.28
CA ALA A 143 24.78 5.67 5.40
C ALA A 143 25.21 4.59 4.44
N ILE A 144 24.46 3.51 4.35
CA ILE A 144 24.83 2.48 3.44
C ILE A 144 24.79 2.91 1.99
N VAL A 145 23.74 3.60 1.58
CA VAL A 145 23.62 4.05 0.23
C VAL A 145 24.70 5.07 -0.14
N GLU A 146 24.94 6.05 0.72
CA GLU A 146 25.97 7.05 0.45
C GLU A 146 27.35 6.46 0.37
N SER A 147 27.72 5.60 1.29
CA SER A 147 28.98 4.94 1.22
C SER A 147 29.11 4.11 -0.05
N SER A 148 28.08 3.37 -0.42
CA SER A 148 28.07 2.59 -1.62
C SER A 148 28.18 3.42 -2.90
N THR A 149 27.50 4.54 -2.96
CA THR A 149 27.58 5.42 -4.09
C THR A 149 29.03 5.89 -4.28
N THR A 150 29.68 6.29 -3.21
CA THR A 150 31.06 6.70 -3.28
C THR A 150 31.94 5.54 -3.73
N GLU A 151 31.75 4.34 -3.21
CA GLU A 151 32.52 3.21 -3.64
C GLU A 151 32.32 2.91 -5.11
N ALA A 152 31.10 2.95 -5.61
CA ALA A 152 30.89 2.71 -7.01
C ALA A 152 31.52 3.79 -7.92
N LEU A 153 31.39 5.03 -7.56
CA LEU A 153 32.00 6.09 -8.33
C LEU A 153 33.52 5.97 -8.33
N GLN A 154 34.12 5.68 -7.21
CA GLN A 154 35.57 5.50 -7.19
C GLN A 154 36.00 4.32 -8.05
N LEU A 155 35.30 3.21 -7.97
CA LEU A 155 35.63 2.10 -8.80
C LEU A 155 35.47 2.42 -10.28
N LEU A 156 34.42 3.12 -10.65
CA LEU A 156 34.20 3.46 -12.00
C LEU A 156 34.65 4.89 -12.41
N GLU A 157 35.58 5.52 -11.70
CA GLU A 157 35.92 6.90 -11.98
C GLU A 157 36.39 7.18 -13.40
N GLU A 158 37.15 6.29 -14.00
CA GLU A 158 37.59 6.49 -15.34
C GLU A 158 36.45 6.51 -16.36
N GLU A 159 35.42 5.70 -16.19
CA GLU A 159 34.33 5.67 -17.12
C GLU A 159 33.20 6.63 -16.98
N ILE A 160 32.92 7.11 -15.80
CA ILE A 160 31.71 7.90 -15.56
C ILE A 160 31.70 9.25 -16.27
N GLN A 161 32.85 9.71 -16.78
CA GLN A 161 32.90 11.00 -17.46
C GLN A 161 32.46 10.88 -18.92
N ASN A 162 32.69 9.74 -19.52
CA ASN A 162 32.30 9.56 -20.87
C ASN A 162 30.83 9.89 -20.86
N PRO A 163 30.37 10.81 -21.72
CA PRO A 163 28.93 11.04 -21.78
C PRO A 163 28.11 9.85 -22.28
N GLN A 164 28.66 8.92 -23.04
CA GLN A 164 27.99 7.73 -23.40
C GLN A 164 27.94 6.66 -22.26
N PHE A 165 28.50 6.87 -21.06
CA PHE A 165 28.48 5.86 -20.02
C PHE A 165 27.05 5.43 -19.71
N ASP A 166 26.85 4.14 -19.56
CA ASP A 166 25.55 3.62 -19.24
C ASP A 166 25.40 3.67 -17.73
N ASN A 167 24.54 4.52 -17.22
CA ASN A 167 24.39 4.66 -15.79
C ASN A 167 23.94 3.41 -15.01
N MET A 168 23.22 2.49 -15.64
CA MET A 168 23.07 1.14 -15.20
CA MET A 168 23.07 1.15 -15.20
C MET A 168 24.30 0.09 -14.87
N LYS A 169 25.44 0.56 -15.34
CA LYS A 169 26.67 -0.05 -14.82
C LYS A 169 26.95 0.43 -13.41
N PHE A 170 26.70 1.72 -13.16
CA PHE A 170 26.85 2.30 -11.83
C PHE A 170 25.81 1.74 -10.87
N TYR A 171 24.54 1.69 -11.30
CA TYR A 171 23.52 1.23 -10.35
C TYR A 171 23.72 -0.25 -10.00
N LYS A 172 24.13 -1.08 -10.97
CA LYS A 172 24.38 -2.49 -10.67
C LYS A 172 25.58 -2.66 -9.75
N LYS A 173 26.69 -1.94 -10.03
CA LYS A 173 27.87 -2.05 -9.16
C LYS A 173 27.54 -1.54 -7.75
N ARG A 174 26.86 -0.41 -7.67
CA ARG A 174 26.47 0.12 -6.37
C ARG A 174 25.62 -0.89 -5.61
N MET A 175 24.73 -1.60 -6.32
CA MET A 175 23.90 -2.59 -5.65
C MET A 175 24.76 -3.68 -5.02
N GLU A 176 25.83 -4.10 -5.72
CA GLU A 176 26.72 -5.08 -5.11
C GLU A 176 27.29 -4.59 -3.79
N PHE A 177 27.70 -3.31 -3.73
CA PHE A 177 28.22 -2.75 -2.47
C PHE A 177 27.13 -2.63 -1.41
N ILE A 178 25.93 -2.18 -1.81
CA ILE A 178 24.82 -2.05 -0.88
C ILE A 178 24.52 -3.40 -0.23
N TYR A 179 24.42 -4.44 -1.06
CA TYR A 179 24.10 -5.76 -0.53
C TYR A 179 25.15 -6.22 0.48
N ASP A 180 26.43 -6.03 0.16
CA ASP A 180 27.48 -6.43 1.11
C ASP A 180 27.34 -5.67 2.43
N ARG A 181 26.99 -4.39 2.37
CA ARG A 181 26.86 -3.58 3.59
C ARG A 181 25.61 -3.95 4.40
N GLN A 182 24.48 -4.23 3.74
CA GLN A 182 23.30 -4.71 4.45
C GLN A 182 23.60 -6.04 5.12
N LYS A 183 24.31 -6.91 4.42
CA LYS A 183 24.63 -8.24 4.95
C LYS A 183 25.55 -8.15 6.17
N ARG A 184 26.52 -7.25 6.15
CA ARG A 184 27.36 -7.01 7.33
C ARG A 184 26.53 -6.53 8.52
N PHE A 185 25.61 -5.59 8.26
CA PHE A 185 24.72 -5.15 9.33
C PHE A 185 23.88 -6.30 9.87
N ILE A 186 23.24 -7.07 8.98
CA ILE A 186 22.29 -8.08 9.42
CA ILE A 186 22.28 -8.06 9.45
C ILE A 186 22.98 -9.18 10.21
N ASN A 187 24.17 -9.60 9.78
CA ASN A 187 24.89 -10.62 10.53
C ASN A 187 25.34 -10.10 11.89
N TYR A 188 25.73 -8.81 11.96
CA TYR A 188 26.03 -8.21 13.27
C TYR A 188 24.78 -8.22 14.17
N TYR A 189 23.66 -7.74 13.63
CA TYR A 189 22.39 -7.76 14.35
C TYR A 189 22.09 -9.15 14.91
N LYS A 190 22.21 -10.19 14.06
CA LYS A 190 21.88 -11.54 14.49
C LYS A 190 22.81 -12.02 15.59
N SER A 191 24.06 -11.54 15.60
CA SER A 191 24.97 -11.87 16.70
C SER A 191 24.60 -11.17 18.00
N GLN A 192 23.95 -10.00 17.94
CA GLN A 192 23.60 -9.25 19.16
C GLN A 192 22.20 -9.56 19.71
N ILE A 193 21.24 -9.93 18.87
CA ILE A 193 19.85 -9.78 19.25
C ILE A 193 19.44 -10.74 20.36
N ASN A 194 20.14 -11.86 20.52
CA ASN A 194 19.81 -12.87 21.53
C ASN A 194 20.59 -12.72 22.83
N LYS A 195 21.41 -11.68 22.95
CA LYS A 195 22.19 -11.44 24.16
C LYS A 195 21.25 -11.21 25.36
N PRO A 196 21.74 -11.48 26.58
CA PRO A 196 20.89 -11.29 27.76
C PRO A 196 20.65 -9.83 28.11
N THR A 197 21.47 -8.92 27.60
CA THR A 197 21.19 -7.49 27.70
C THR A 197 19.91 -7.10 26.95
N VAL A 198 19.43 -7.96 26.05
CA VAL A 198 18.25 -7.72 25.21
C VAL A 198 18.33 -6.35 24.53
N PRO A 199 19.25 -6.13 23.61
CA PRO A 199 19.33 -4.83 22.93
C PRO A 199 18.15 -4.61 21.98
N THR A 200 17.88 -3.34 21.71
CA THR A 200 16.90 -2.96 20.71
C THR A 200 17.53 -2.84 19.33
N ILE A 201 16.68 -2.80 18.31
CA ILE A 201 17.13 -2.48 16.97
C ILE A 201 18.02 -1.25 16.98
N ASP A 202 17.55 -0.17 17.64
CA ASP A 202 18.29 1.09 17.64
C ASP A 202 19.61 0.97 18.41
N ASP A 203 19.66 0.19 19.49
CA ASP A 203 20.93 -0.07 20.17
C ASP A 203 21.96 -0.63 19.20
N ILE A 204 21.52 -1.58 18.38
CA ILE A 204 22.40 -2.30 17.46
C ILE A 204 22.81 -1.41 16.29
N ILE A 205 21.85 -0.65 15.74
CA ILE A 205 22.17 0.28 14.66
C ILE A 205 23.16 1.33 15.15
N LYS A 206 22.92 1.88 16.33
CA LYS A 206 23.84 2.89 16.88
C LYS A 206 25.25 2.33 17.01
N SER A 207 25.39 1.13 17.60
CA SER A 207 26.71 0.51 17.71
CA SER A 207 26.71 0.51 17.72
C SER A 207 27.37 0.35 16.35
N HIS A 208 26.60 -0.15 15.37
CA HIS A 208 27.14 -0.42 14.04
C HIS A 208 27.56 0.88 13.34
N LEU A 209 26.77 1.93 13.47
CA LEU A 209 27.09 3.21 12.86
C LEU A 209 28.33 3.81 13.50
N VAL A 210 28.46 3.69 14.82
CA VAL A 210 29.64 4.20 15.51
C VAL A 210 30.88 3.46 15.06
N SER A 211 30.82 2.12 14.99
CA SER A 211 32.01 1.33 14.69
CA SER A 211 32.01 1.35 14.69
C SER A 211 32.38 1.37 13.20
N GLU A 212 31.38 1.42 12.31
CA GLU A 212 31.68 1.22 10.90
C GLU A 212 31.40 2.43 10.01
N TYR A 213 30.72 3.44 10.52
CA TYR A 213 30.37 4.59 9.68
C TYR A 213 30.84 5.89 10.33
N ASN A 214 31.77 5.81 11.27
CA ASN A 214 32.43 6.97 11.86
CA ASN A 214 32.43 6.99 11.87
C ASN A 214 31.43 7.94 12.51
N ARG A 215 30.38 7.40 13.11
CA ARG A 215 29.34 8.23 13.71
C ARG A 215 29.58 8.42 15.21
N ASP A 216 28.85 9.38 15.78
CA ASP A 216 29.01 9.77 17.17
C ASP A 216 27.78 9.32 17.94
N GLU A 217 28.01 8.56 18.96
CA GLU A 217 26.96 8.03 19.73
C GLU A 217 26.07 9.07 20.37
N THR A 218 26.66 10.13 20.88
CA THR A 218 25.86 11.17 21.46
C THR A 218 24.96 11.82 20.44
N VAL A 219 25.43 12.11 19.26
CA VAL A 219 24.56 12.69 18.28
C VAL A 219 23.41 11.75 17.87
N LEU A 220 23.71 10.48 17.66
CA LEU A 220 22.68 9.54 17.32
C LEU A 220 21.69 9.37 18.47
N GLU A 221 22.13 9.30 19.71
CA GLU A 221 21.23 9.20 20.82
C GLU A 221 20.31 10.42 20.93
N SER A 222 20.82 11.61 20.74
CA SER A 222 19.98 12.78 20.73
C SER A 222 18.95 12.72 19.61
N TYR A 223 19.34 12.30 18.42
CA TYR A 223 18.38 12.16 17.37
C TYR A 223 17.31 11.16 17.75
N ARG A 224 17.64 10.03 18.34
CA ARG A 224 16.68 9.08 18.75
C ARG A 224 15.70 9.55 19.82
N THR A 225 16.20 10.12 20.89
CA THR A 225 15.33 10.63 21.93
C THR A 225 14.47 11.79 21.41
N ASN A 226 14.98 12.67 20.59
CA ASN A 226 14.15 13.71 20.02
C ASN A 226 13.02 13.12 19.17
N SER A 227 13.30 12.11 18.37
CA SER A 227 12.28 11.48 17.60
C SER A 227 11.22 10.89 18.48
N LEU A 228 11.56 10.21 19.56
CA LEU A 228 10.60 9.62 20.43
C LEU A 228 9.72 10.63 21.07
N ARG A 229 10.30 11.76 21.48
CA ARG A 229 9.51 12.85 22.06
C ARG A 229 8.65 13.60 21.03
N LYS A 230 9.16 14.01 19.87
CA LYS A 230 8.34 14.59 18.88
C LYS A 230 7.13 13.74 18.53
N ILE A 231 7.31 12.45 18.31
CA ILE A 231 6.20 11.61 17.94
C ILE A 231 5.19 11.39 19.04
N ASN A 232 5.62 11.16 20.27
CA ASN A 232 4.71 10.99 21.37
C ASN A 232 3.87 12.26 21.60
N SER A 233 4.43 13.42 21.44
CA SER A 233 3.69 14.65 21.50
C SER A 233 2.71 14.91 20.36
N ASN A 234 2.73 14.17 19.24
CA ASN A 234 1.85 14.42 18.15
C ASN A 234 1.13 13.17 17.71
N HIS A 235 0.26 12.71 18.58
CA HIS A 235 -0.60 11.56 18.44
C HIS A 235 0.11 10.19 18.30
N GLY A 236 1.36 10.06 18.66
CA GLY A 236 2.05 8.85 18.44
C GLY A 236 1.58 7.73 19.25
N ILE A 237 1.46 6.58 18.63
CA ILE A 237 1.15 5.35 19.32
C ILE A 237 2.14 4.28 18.85
N ASP A 238 2.73 3.57 19.81
CA ASP A 238 3.87 2.68 19.58
C ASP A 238 3.37 1.28 19.23
N ILE A 239 3.81 0.77 18.06
CA ILE A 239 3.48 -0.61 17.67
CA ILE A 239 3.46 -0.61 17.69
C ILE A 239 3.97 -1.60 18.73
N ARG A 240 5.13 -1.32 19.32
CA ARG A 240 5.73 -2.27 20.27
C ARG A 240 4.87 -2.43 21.52
N ALA A 241 3.96 -1.49 21.79
CA ALA A 241 3.19 -1.48 23.03
C ALA A 241 1.72 -1.81 22.79
N ASN A 242 1.37 -2.24 21.58
CA ASN A 242 -0.02 -2.45 21.21
CA ASN A 242 -0.02 -2.45 21.21
C ASN A 242 -0.27 -3.91 20.82
N SER A 243 -1.39 -4.16 20.15
CA SER A 243 -1.80 -5.51 19.82
C SER A 243 -1.89 -5.72 18.31
N LEU A 244 -1.11 -4.97 17.51
CA LEU A 244 -1.17 -5.14 16.06
C LEU A 244 -0.62 -6.49 15.65
N PHE A 245 0.57 -6.84 16.14
CA PHE A 245 1.22 -8.08 15.76
C PHE A 245 0.85 -9.15 16.77
N THR A 246 0.02 -10.10 16.34
CA THR A 246 -0.51 -11.13 17.21
C THR A 246 -0.13 -12.52 16.73
N GLU A 247 0.76 -12.60 15.74
CA GLU A 247 1.33 -13.86 15.26
C GLU A 247 2.73 -13.57 14.76
N GLN A 248 3.56 -14.62 14.73
CA GLN A 248 4.95 -14.45 14.34
C GLN A 248 5.12 -14.20 12.83
N GLU A 249 4.28 -14.79 12.00
CA GLU A 249 4.46 -14.66 10.58
C GLU A 249 4.39 -13.24 10.08
N LEU A 250 3.41 -12.49 10.50
CA LEU A 250 3.31 -11.10 10.12
C LEU A 250 4.43 -10.24 10.69
N LEU A 251 4.80 -10.48 11.93
CA LEU A 251 5.90 -9.78 12.51
C LEU A 251 7.20 -10.05 11.73
N ASN A 252 7.45 -11.28 11.33
CA ASN A 252 8.59 -11.61 10.53
C ASN A 252 8.55 -10.85 9.20
N ILE A 253 7.41 -10.74 8.54
CA ILE A 253 7.31 -9.95 7.33
C ILE A 253 7.63 -8.47 7.60
N TYR A 254 7.06 -7.90 8.65
CA TYR A 254 7.35 -6.55 8.99
C TYR A 254 8.84 -6.39 9.28
N SER A 255 9.43 -7.28 10.05
CA SER A 255 10.85 -7.20 10.36
C SER A 255 11.75 -7.37 9.15
N GLN A 256 11.45 -8.26 8.23
CA GLN A 256 12.28 -8.39 7.05
C GLN A 256 12.35 -7.10 6.25
N GLU A 257 11.24 -6.39 6.10
CA GLU A 257 11.27 -5.12 5.47
C GLU A 257 11.95 -4.02 6.29
N LEU A 258 11.62 -3.92 7.56
CA LEU A 258 12.18 -2.90 8.40
C LEU A 258 13.66 -3.05 8.59
N LEU A 259 14.07 -4.25 8.89
CA LEU A 259 15.55 -4.50 9.20
CA LEU A 259 15.54 -4.49 9.20
C LEU A 259 16.49 -5.07 8.10
N ASN A 260 15.97 -6.01 7.32
CA ASN A 260 16.85 -6.59 6.31
C ASN A 260 16.92 -5.76 5.04
N ARG A 261 15.79 -5.20 4.60
CA ARG A 261 15.74 -4.43 3.37
C ARG A 261 15.81 -2.93 3.60
N GLY A 262 15.44 -2.45 4.78
CA GLY A 262 15.28 -1.04 5.01
C GLY A 262 14.20 -0.40 4.17
N ASN A 263 13.18 -1.17 3.80
CA ASN A 263 12.07 -0.66 3.01
C ASN A 263 10.92 -0.22 3.96
N LEU A 264 10.95 1.03 4.33
CA LEU A 264 9.97 1.61 5.22
C LEU A 264 8.55 1.65 4.66
N ALA A 265 8.39 1.91 3.39
CA ALA A 265 7.08 1.89 2.81
C ALA A 265 6.47 0.49 2.90
N ALA A 266 7.23 -0.55 2.61
CA ALA A 266 6.76 -1.88 2.74
C ALA A 266 6.41 -2.20 4.20
N ALA A 267 7.21 -1.79 5.16
CA ALA A 267 6.86 -2.01 6.54
C ALA A 267 5.54 -1.30 6.86
N SER A 268 5.37 -0.06 6.43
CA SER A 268 4.14 0.67 6.60
C SER A 268 2.94 -0.02 5.91
N ASP A 269 3.13 -0.66 4.77
CA ASP A 269 2.10 -1.42 4.14
C ASP A 269 1.55 -2.52 5.09
N ILE A 270 2.41 -3.21 5.82
CA ILE A 270 1.98 -4.16 6.79
C ILE A 270 1.25 -3.53 8.00
N VAL A 271 1.82 -2.48 8.57
CA VAL A 271 1.24 -1.87 9.73
C VAL A 271 -0.16 -1.34 9.47
N ARG A 272 -0.39 -0.68 8.35
CA ARG A 272 -1.68 -0.16 8.05
C ARG A 272 -2.75 -1.24 7.99
N LEU A 273 -2.47 -2.40 7.43
CA LEU A 273 -3.45 -3.44 7.39
C LEU A 273 -3.81 -3.95 8.77
N LEU A 274 -2.83 -4.16 9.62
CA LEU A 274 -3.07 -4.58 10.98
C LEU A 274 -3.82 -3.52 11.76
N ALA A 275 -3.50 -2.26 11.58
CA ALA A 275 -4.21 -1.21 12.28
C ALA A 275 -5.68 -1.20 11.89
N LEU A 276 -5.97 -1.34 10.60
CA LEU A 276 -7.37 -1.38 10.17
C LEU A 276 -8.06 -2.64 10.66
N LYS A 277 -7.38 -3.79 10.57
CA LYS A 277 -7.97 -5.03 11.02
C LYS A 277 -8.37 -4.93 12.50
N ASN A 278 -7.48 -4.41 13.32
CA ASN A 278 -7.69 -4.45 14.77
C ASN A 278 -8.57 -3.31 15.26
N PHE A 279 -8.49 -2.14 14.64
CA PHE A 279 -9.18 -0.94 15.12
C PHE A 279 -10.27 -0.44 14.20
N GLY A 280 -10.14 -0.62 12.90
CA GLY A 280 -11.04 -0.01 11.96
C GLY A 280 -10.77 1.47 11.82
N GLY A 281 -11.41 2.04 10.80
CA GLY A 281 -11.37 3.46 10.55
C GLY A 281 -10.80 3.75 9.16
N VAL A 282 -10.03 4.83 9.09
CA VAL A 282 -9.50 5.39 7.86
C VAL A 282 -7.99 5.38 7.99
N TYR A 283 -7.30 4.83 6.99
CA TYR A 283 -5.86 4.96 6.90
C TYR A 283 -5.50 5.95 5.81
N LEU A 284 -4.52 6.83 6.10
CA LEU A 284 -4.05 7.85 5.16
C LEU A 284 -2.54 7.92 5.18
N ASP A 285 -1.90 7.93 3.99
CA ASP A 285 -0.50 8.36 3.93
C ASP A 285 -0.43 9.82 4.37
N VAL A 286 0.74 10.21 4.88
CA VAL A 286 0.87 11.55 5.47
C VAL A 286 0.92 12.66 4.44
N ASP A 287 0.92 12.34 3.14
CA ASP A 287 0.86 13.33 2.09
C ASP A 287 -0.54 13.51 1.50
N MET A 288 -1.56 12.95 2.15
CA MET A 288 -2.95 13.15 1.73
C MET A 288 -3.56 14.32 2.49
N LEU A 289 -4.51 15.00 1.86
CA LEU A 289 -5.18 16.14 2.45
C LEU A 289 -6.68 15.99 2.35
N PRO A 290 -7.44 16.67 3.21
CA PRO A 290 -8.89 16.56 3.16
C PRO A 290 -9.44 16.99 1.81
N GLY A 291 -10.65 16.51 1.51
CA GLY A 291 -11.31 16.88 0.28
C GLY A 291 -11.88 18.29 0.34
N ILE A 292 -11.86 18.95 -0.83
CA ILE A 292 -12.39 20.30 -0.96
CA ILE A 292 -12.39 20.30 -0.97
C ILE A 292 -13.91 20.24 -1.08
N HIS A 293 -14.59 21.19 -0.43
CA HIS A 293 -16.04 21.29 -0.56
C HIS A 293 -16.44 21.32 -2.03
N SER A 294 -17.55 20.65 -2.33
CA SER A 294 -18.00 20.54 -3.72
C SER A 294 -18.33 21.91 -4.30
N ASP A 295 -19.18 22.63 -3.61
CA ASP A 295 -19.66 23.92 -4.08
C ASP A 295 -18.59 24.99 -4.19
N LEU A 296 -17.50 24.82 -3.46
CA LEU A 296 -16.54 25.90 -3.27
C LEU A 296 -16.15 26.51 -4.61
N PHE A 297 -15.94 25.69 -5.64
CA PHE A 297 -15.44 26.16 -6.92
C PHE A 297 -16.34 25.76 -8.09
N LYS A 298 -17.61 25.72 -7.75
CA LYS A 298 -18.65 25.30 -8.71
C LYS A 298 -18.67 26.38 -9.82
N THR A 299 -18.42 27.56 -9.30
CA THR A 299 -18.58 28.80 -10.06
C THR A 299 -17.31 29.19 -10.80
N ILE A 300 -16.46 28.22 -11.15
CA ILE A 300 -15.21 28.53 -11.83
C ILE A 300 -14.97 27.50 -12.92
N SER A 301 -15.36 27.82 -14.15
CA SER A 301 -14.94 27.02 -15.28
C SER A 301 -13.43 26.96 -15.35
N ARG A 302 -12.89 25.87 -15.89
CA ARG A 302 -11.44 25.67 -15.95
C ARG A 302 -10.91 25.84 -17.35
N PRO A 303 -9.80 26.53 -17.47
CA PRO A 303 -9.21 26.76 -18.74
C PRO A 303 -8.95 25.39 -19.42
N SER A 304 -9.36 25.13 -20.67
CA SER A 304 -9.03 23.83 -21.33
C SER A 304 -7.45 23.65 -21.55
N SER A 305 -6.64 24.73 -21.60
CA SER A 305 -5.15 24.55 -21.64
C SER A 305 -4.62 23.71 -20.40
N ILE A 306 -5.16 23.93 -19.18
CA ILE A 306 -4.74 23.20 -17.93
C ILE A 306 -5.44 21.79 -17.79
N GLY A 307 -4.73 20.75 -17.33
CA GLY A 307 -5.25 19.40 -17.21
C GLY A 307 -6.31 19.11 -16.10
N LEU A 308 -7.02 17.98 -16.15
CA LEU A 308 -8.10 17.68 -15.13
C LEU A 308 -7.41 17.56 -13.71
N ASP A 309 -6.27 16.86 -13.66
CA ASP A 309 -5.48 16.74 -12.39
C ASP A 309 -4.82 18.09 -11.95
N ARG A 310 -4.22 18.78 -12.90
CA ARG A 310 -3.54 20.07 -12.58
C ARG A 310 -4.62 21.04 -12.06
N TRP A 311 -5.80 20.93 -12.60
CA TRP A 311 -6.81 21.82 -12.11
C TRP A 311 -6.93 21.58 -10.60
N GLU A 312 -6.93 20.34 -10.14
CA GLU A 312 -6.97 20.06 -8.72
C GLU A 312 -5.75 20.57 -7.97
N MET A 313 -4.56 20.45 -8.53
CA MET A 313 -3.41 20.97 -7.87
C MET A 313 -3.56 22.47 -7.72
N ILE A 314 -3.97 23.16 -8.77
CA ILE A 314 -4.19 24.56 -8.69
C ILE A 314 -5.22 24.92 -7.66
N LYS A 315 -6.31 24.17 -7.51
CA LYS A 315 -7.24 24.54 -6.46
C LYS A 315 -6.57 24.46 -5.11
N LEU A 316 -5.78 23.44 -4.83
CA LEU A 316 -5.09 23.41 -3.55
C LEU A 316 -4.11 24.54 -3.39
N GLU A 317 -3.32 24.81 -4.41
CA GLU A 317 -2.38 25.89 -4.33
C GLU A 317 -3.10 27.20 -4.08
N ALA A 318 -4.22 27.41 -4.76
CA ALA A 318 -4.99 28.63 -4.60
C ALA A 318 -5.49 28.78 -3.16
N ILE A 319 -5.93 27.70 -2.54
CA ILE A 319 -6.38 27.79 -1.19
C ILE A 319 -5.25 28.13 -0.26
N MET A 320 -4.10 27.53 -0.42
CA MET A 320 -3.00 27.87 0.42
C MET A 320 -2.55 29.31 0.20
N LYS A 321 -2.51 29.78 -1.04
CA LYS A 321 -1.97 31.12 -1.30
C LYS A 321 -2.71 32.19 -0.49
N TYR A 322 -4.01 31.95 -0.25
CA TYR A 322 -4.86 32.90 0.52
C TYR A 322 -5.13 32.63 2.03
N LYS A 323 -4.99 31.38 2.48
CA LYS A 323 -5.20 30.97 3.90
C LYS A 323 -3.84 30.55 4.62
N LYS A 324 -2.78 30.18 3.88
CA LYS A 324 -1.50 29.77 4.46
C LYS A 324 -1.70 28.66 5.46
N TYR A 325 -2.65 27.77 5.23
CA TYR A 325 -2.84 26.73 6.24
C TYR A 325 -1.58 25.88 6.39
N ILE A 326 -0.87 25.64 5.29
CA ILE A 326 0.38 24.90 5.29
C ILE A 326 1.47 25.87 4.84
N ASN A 327 2.49 26.03 5.69
CA ASN A 327 3.53 27.01 5.42
C ASN A 327 4.28 26.68 4.15
N ASN A 328 4.62 27.72 3.39
CA ASN A 328 5.46 27.60 2.20
C ASN A 328 4.88 26.63 1.19
N TYR A 329 3.55 26.50 1.17
CA TYR A 329 2.92 25.65 0.18
C TYR A 329 3.14 26.23 -1.21
N THR A 330 3.48 25.37 -2.15
CA THR A 330 3.80 25.80 -3.50
C THR A 330 2.66 26.60 -4.11
N SER A 331 3.03 27.55 -4.97
CA SER A 331 2.08 28.36 -5.71
C SER A 331 2.38 28.34 -7.20
N GLU A 332 3.29 27.47 -7.57
CA GLU A 332 3.81 27.44 -8.96
C GLU A 332 2.76 27.29 -10.09
N ASN A 333 1.88 26.31 -9.98
CA ASN A 333 0.84 26.12 -11.00
C ASN A 333 -0.29 27.13 -10.89
N PHE A 334 -0.42 27.82 -9.76
CA PHE A 334 -1.47 28.82 -9.61
C PHE A 334 -1.04 30.22 -10.04
N ASP A 335 0.25 30.55 -9.88
CA ASP A 335 0.73 31.87 -10.24
C ASP A 335 0.57 32.15 -11.72
N LYS A 336 0.60 31.12 -12.56
CA LYS A 336 0.59 31.28 -14.02
C LYS A 336 -0.81 31.47 -14.59
N LEU A 337 -1.72 31.98 -13.80
CA LEU A 337 -3.08 32.07 -14.28
C LEU A 337 -3.53 33.47 -14.49
N ASP A 338 -4.53 33.64 -15.33
CA ASP A 338 -5.03 34.95 -15.59
C ASP A 338 -5.59 35.55 -14.31
N GLN A 339 -5.41 36.85 -14.14
CA GLN A 339 -5.85 37.55 -12.96
C GLN A 339 -7.35 37.46 -12.73
N GLN A 340 -8.14 37.37 -13.75
CA GLN A 340 -9.49 37.23 -13.35
C GLN A 340 -9.50 35.86 -12.73
N LEU A 341 -8.92 34.84 -13.36
CA LEU A 341 -9.01 33.61 -12.59
C LEU A 341 -8.55 33.84 -11.15
N LYS A 342 -7.34 34.36 -10.97
CA LYS A 342 -6.80 34.60 -9.64
C LYS A 342 -7.78 35.40 -8.79
N ASP A 343 -8.12 36.62 -9.23
N ASP A 343 -8.04 36.59 -9.29
CA ASP A 343 -9.01 37.47 -8.45
CA ASP A 343 -8.94 37.44 -8.51
C ASP A 343 -10.29 36.74 -8.09
C ASP A 343 -10.21 36.71 -8.15
N ASN A 344 -10.80 35.91 -8.99
CA ASN A 344 -11.98 35.11 -8.67
C ASN A 344 -11.68 34.16 -7.51
N PHE A 345 -10.54 33.47 -7.58
CA PHE A 345 -10.15 32.58 -6.50
C PHE A 345 -10.08 33.32 -5.17
N LYS A 346 -9.31 34.41 -5.11
CA LYS A 346 -9.24 35.18 -3.87
C LYS A 346 -10.63 35.58 -3.40
N LEU A 347 -11.47 35.94 -4.34
CA LEU A 347 -12.77 36.37 -3.94
C LEU A 347 -13.60 35.29 -3.26
N ILE A 348 -13.77 34.14 -3.90
CA ILE A 348 -14.52 33.06 -3.26
C ILE A 348 -13.83 32.58 -2.00
N ILE A 349 -12.50 32.50 -2.02
CA ILE A 349 -11.75 31.99 -0.87
C ILE A 349 -12.03 32.86 0.36
N GLU A 350 -11.69 34.14 0.27
CA GLU A 350 -11.87 35.03 1.42
C GLU A 350 -13.30 35.04 1.92
N SER A 351 -14.25 34.63 1.09
CA SER A 351 -15.66 34.65 1.48
C SER A 351 -15.91 33.83 2.74
N LYS A 352 -15.07 32.84 3.01
CA LYS A 352 -15.31 31.87 4.06
C LYS A 352 -14.56 32.24 5.34
N SER A 353 -15.08 31.76 6.47
CA SER A 353 -14.68 32.21 7.79
C SER A 353 -13.81 31.21 8.55
N GLU A 354 -14.16 29.92 8.54
CA GLU A 354 -13.35 28.91 9.23
C GLU A 354 -13.04 27.77 8.27
N LYS A 355 -11.89 27.13 8.52
CA LYS A 355 -11.37 26.10 7.61
C LYS A 355 -12.45 25.11 7.22
N SER A 356 -13.36 24.78 8.14
CA SER A 356 -14.42 23.82 7.87
CA SER A 356 -14.42 23.82 7.87
C SER A 356 -15.33 24.24 6.72
N GLU A 357 -15.17 25.46 6.21
CA GLU A 357 -15.90 25.90 5.04
C GLU A 357 -15.13 25.68 3.75
N ILE A 358 -13.89 25.25 3.89
CA ILE A 358 -13.04 25.01 2.73
C ILE A 358 -12.90 23.49 2.44
N PHE A 359 -12.50 22.77 3.48
CA PHE A 359 -12.41 21.32 3.43
C PHE A 359 -13.66 20.70 4.05
N SER A 360 -13.97 19.49 3.58
CA SER A 360 -15.17 18.79 4.01
C SER A 360 -14.88 17.87 5.19
N LYS A 361 -15.85 17.79 6.11
N LYS A 361 -15.86 17.80 6.10
CA LYS A 361 -15.75 16.83 7.19
CA LYS A 361 -15.84 16.82 7.17
C LYS A 361 -16.00 15.43 6.65
C LYS A 361 -15.97 15.41 6.61
N LEU A 362 -15.45 14.43 7.36
CA LEU A 362 -15.70 13.04 7.00
C LEU A 362 -17.06 12.61 7.51
N GLU A 363 -17.46 13.11 8.68
N GLU A 363 -17.46 13.10 8.68
CA GLU A 363 -18.74 12.76 9.28
CA GLU A 363 -18.74 12.76 9.28
C GLU A 363 -18.86 11.24 9.36
C GLU A 363 -18.86 11.23 9.34
N ASN A 364 -20.01 10.67 8.97
CA ASN A 364 -20.17 9.22 8.94
C ASN A 364 -19.75 8.71 7.57
N LEU A 365 -18.78 7.80 7.56
CA LEU A 365 -18.42 7.06 6.35
C LEU A 365 -19.05 5.68 6.49
N ASN A 366 -20.18 5.49 5.80
CA ASN A 366 -20.97 4.27 5.94
C ASN A 366 -20.41 3.17 5.05
N VAL A 367 -20.03 2.05 5.66
CA VAL A 367 -19.45 0.93 4.94
C VAL A 367 -20.03 -0.38 5.46
N SER A 368 -19.87 -1.43 4.64
CA SER A 368 -20.17 -2.81 4.97
C SER A 368 -19.04 -3.43 5.80
N ASP A 369 -19.41 -4.35 6.70
CA ASP A 369 -18.37 -5.12 7.37
C ASP A 369 -17.69 -6.12 6.45
N LEU A 370 -18.13 -6.20 5.20
CA LEU A 370 -17.44 -7.03 4.21
C LEU A 370 -16.30 -6.31 3.51
N GLU A 371 -16.32 -4.99 3.43
CA GLU A 371 -15.54 -4.33 2.38
C GLU A 371 -14.34 -3.58 2.94
N ILE A 372 -13.52 -3.14 2.00
CA ILE A 372 -12.51 -2.10 2.21
CA ILE A 372 -12.51 -2.10 2.20
C ILE A 372 -12.60 -1.17 1.01
N LYS A 373 -12.54 0.13 1.26
CA LYS A 373 -12.59 1.12 0.21
C LYS A 373 -11.19 1.69 0.03
N ILE A 374 -10.89 2.13 -1.20
CA ILE A 374 -9.52 2.42 -1.58
C ILE A 374 -9.53 3.56 -2.60
N ALA A 375 -8.50 4.39 -2.53
CA ALA A 375 -8.31 5.43 -3.51
C ALA A 375 -7.83 4.82 -4.84
N PHE A 376 -8.00 5.60 -5.91
CA PHE A 376 -7.56 5.23 -7.25
C PHE A 376 -6.50 6.21 -7.74
N ALA A 377 -5.62 5.73 -8.62
CA ALA A 377 -4.68 6.58 -9.33
C ALA A 377 -4.28 5.88 -10.62
N LEU A 378 -4.39 6.61 -11.72
CA LEU A 378 -3.87 6.15 -13.00
C LEU A 378 -4.46 4.80 -13.39
N GLY A 379 -5.73 4.60 -13.07
CA GLY A 379 -6.42 3.40 -13.47
C GLY A 379 -6.29 2.23 -12.52
N SER A 380 -5.50 2.36 -11.46
CA SER A 380 -5.29 1.29 -10.50
CA SER A 380 -5.29 1.29 -10.50
C SER A 380 -5.73 1.72 -9.11
N VAL A 381 -5.98 0.73 -8.25
CA VAL A 381 -6.13 1.04 -6.83
C VAL A 381 -4.78 1.53 -6.31
N ILE A 382 -4.83 2.36 -5.27
CA ILE A 382 -3.62 2.81 -4.59
C ILE A 382 -3.92 2.87 -3.10
N ASN A 383 -3.10 2.18 -2.28
CA ASN A 383 -3.39 1.96 -0.87
C ASN A 383 -2.94 3.12 0.02
N GLN A 384 -2.89 4.34 -0.53
CA GLN A 384 -2.53 5.55 0.21
C GLN A 384 -3.70 6.12 0.98
N ALA A 385 -4.91 5.57 0.78
CA ALA A 385 -6.10 5.96 1.50
C ALA A 385 -7.05 4.78 1.50
N LEU A 386 -7.51 4.39 2.70
CA LEU A 386 -8.29 3.18 2.91
C LEU A 386 -9.39 3.45 3.94
N ILE A 387 -10.51 2.77 3.79
CA ILE A 387 -11.57 2.77 4.81
C ILE A 387 -11.96 1.33 5.08
N SER A 388 -11.92 0.91 6.36
CA SER A 388 -12.36 -0.43 6.72
C SER A 388 -12.88 -0.49 8.14
N LYS A 389 -14.01 -1.16 8.34
CA LYS A 389 -14.39 -1.55 9.70
C LYS A 389 -13.38 -2.54 10.27
N GLN A 390 -13.33 -2.62 11.60
CA GLN A 390 -12.46 -3.60 12.24
C GLN A 390 -12.90 -5.00 11.81
N GLY A 391 -11.94 -5.87 11.56
CA GLY A 391 -12.22 -7.25 11.17
C GLY A 391 -12.96 -7.47 9.87
N SER A 392 -12.97 -6.51 8.94
CA SER A 392 -13.74 -6.69 7.71
C SER A 392 -13.21 -7.86 6.89
N TYR A 393 -14.11 -8.47 6.12
CA TYR A 393 -13.79 -9.66 5.34
C TYR A 393 -12.71 -9.35 4.29
N LEU A 394 -12.89 -8.30 3.54
CA LEU A 394 -11.93 -7.90 2.52
C LEU A 394 -10.58 -7.51 3.10
N THR A 395 -10.53 -6.82 4.22
CA THR A 395 -9.26 -6.52 4.82
C THR A 395 -8.52 -7.82 5.15
N ASN A 396 -9.17 -8.82 5.68
CA ASN A 396 -8.57 -10.10 5.89
C ASN A 396 -8.11 -10.77 4.58
N LEU A 397 -8.87 -10.62 3.50
CA LEU A 397 -8.44 -11.17 2.24
C LEU A 397 -7.12 -10.51 1.78
N VAL A 398 -7.00 -9.21 1.93
CA VAL A 398 -5.76 -8.57 1.58
C VAL A 398 -4.60 -9.10 2.43
N ILE A 399 -4.78 -9.23 3.73
CA ILE A 399 -3.75 -9.77 4.56
C ILE A 399 -3.37 -11.18 4.14
N GLU A 400 -4.32 -12.03 3.80
CA GLU A 400 -4.01 -13.33 3.30
C GLU A 400 -3.21 -13.28 1.98
N GLN A 401 -3.54 -12.37 1.08
CA GLN A 401 -2.77 -12.24 -0.11
C GLN A 401 -1.32 -11.86 0.23
N VAL A 402 -1.10 -10.94 1.13
CA VAL A 402 0.24 -10.56 1.50
C VAL A 402 0.98 -11.74 2.10
N LYS A 403 0.33 -12.47 2.98
CA LYS A 403 1.00 -13.62 3.58
C LYS A 403 1.35 -14.70 2.55
N ASN A 404 0.43 -15.01 1.64
CA ASN A 404 0.73 -16.04 0.64
CA ASN A 404 0.71 -16.03 0.63
C ASN A 404 1.86 -15.59 -0.28
N ARG A 405 1.87 -14.31 -0.67
CA ARG A 405 2.91 -13.80 -1.55
C ARG A 405 4.27 -13.85 -0.88
N TYR A 406 4.35 -13.42 0.39
CA TYR A 406 5.61 -13.50 1.11
C TYR A 406 6.05 -14.94 1.39
N GLN A 407 5.10 -15.83 1.70
CA GLN A 407 5.46 -17.23 1.89
C GLN A 407 6.15 -17.77 0.63
N PHE A 408 5.62 -17.41 -0.54
CA PHE A 408 6.23 -17.86 -1.79
C PHE A 408 7.57 -17.18 -2.04
N LEU A 409 7.63 -15.86 -1.90
CA LEU A 409 8.90 -15.14 -2.00
C LEU A 409 9.96 -15.79 -1.11
N ASN A 410 9.65 -15.98 0.15
CA ASN A 410 10.62 -16.40 1.14
C ASN A 410 11.04 -17.86 0.95
N GLN A 411 10.14 -18.72 0.47
CA GLN A 411 10.52 -20.09 0.12
C GLN A 411 11.72 -20.12 -0.84
N HIS A 412 11.73 -19.24 -1.83
CA HIS A 412 12.82 -19.17 -2.82
C HIS A 412 13.96 -18.27 -2.41
N LEU A 413 13.68 -17.21 -1.65
CA LEU A 413 14.69 -16.24 -1.25
C LEU A 413 15.53 -16.75 -0.08
N ASN A 414 14.93 -17.38 0.91
CA ASN A 414 15.68 -17.66 2.14
C ASN A 414 16.90 -18.54 1.90
N PRO A 415 16.85 -19.61 1.11
CA PRO A 415 18.08 -20.40 0.90
C PRO A 415 19.18 -19.59 0.27
N ALA A 416 18.81 -18.64 -0.58
CA ALA A 416 19.82 -17.82 -1.23
C ALA A 416 20.44 -16.84 -0.26
N ILE A 417 19.62 -16.11 0.51
CA ILE A 417 20.19 -15.12 1.41
CA ILE A 417 20.16 -15.12 1.44
C ILE A 417 20.93 -15.79 2.56
N GLU A 418 20.50 -16.98 2.97
CA GLU A 418 21.18 -17.65 4.05
C GLU A 418 22.53 -18.20 3.63
N SER A 419 22.73 -18.25 2.34
CA SER A 419 24.20 -18.50 1.92
CA SER A 419 24.20 -18.50 1.91
C SER A 419 25.32 -17.53 2.16
N ASP A 420 26.61 -17.83 2.14
CA ASP A 420 27.56 -16.73 2.32
C ASP A 420 27.89 -16.27 0.89
N ASN A 421 26.99 -15.58 0.19
CA ASN A 421 27.31 -15.26 -1.19
C ASN A 421 27.07 -13.81 -1.42
N ASN A 422 27.75 -13.28 -2.38
CA ASN A 422 27.64 -11.90 -2.78
C ASN A 422 26.31 -11.68 -3.50
N PHE A 423 26.09 -10.44 -3.91
CA PHE A 423 24.80 -10.08 -4.51
C PHE A 423 24.53 -10.87 -5.78
N THR A 424 25.50 -10.96 -6.68
CA THR A 424 25.29 -11.61 -7.97
C THR A 424 24.94 -13.08 -7.79
N ASP A 425 25.71 -13.79 -6.94
CA ASP A 425 25.49 -15.22 -6.74
C ASP A 425 24.23 -15.48 -5.93
N THR A 426 23.94 -14.63 -4.93
CA THR A 426 22.67 -14.76 -4.22
C THR A 426 21.50 -14.61 -5.18
N THR A 427 21.57 -13.61 -6.05
CA THR A 427 20.50 -13.38 -7.00
C THR A 427 20.31 -14.60 -7.89
N LYS A 428 21.42 -15.20 -8.36
CA LYS A 428 21.29 -16.38 -9.21
C LYS A 428 20.63 -17.54 -8.48
N ILE A 429 21.03 -17.80 -7.24
CA ILE A 429 20.41 -18.90 -6.49
C ILE A 429 18.90 -18.67 -6.32
N PHE A 430 18.54 -17.43 -5.95
CA PHE A 430 17.13 -17.07 -5.81
C PHE A 430 16.37 -17.26 -7.11
N HIS A 431 16.88 -16.67 -8.20
CA HIS A 431 16.16 -16.74 -9.46
C HIS A 431 16.02 -18.16 -9.98
N ASP A 432 17.10 -18.96 -9.89
CA ASP A 432 17.00 -20.32 -10.39
C ASP A 432 15.87 -21.09 -9.69
N SER A 433 15.80 -20.95 -8.35
CA SER A 433 14.71 -21.57 -7.60
C SER A 433 13.36 -20.98 -8.03
N LEU A 434 13.27 -19.66 -8.03
CA LEU A 434 12.03 -18.96 -8.35
C LEU A 434 11.46 -19.39 -9.69
N PHE A 435 12.26 -19.29 -10.75
CA PHE A 435 11.71 -19.52 -12.08
C PHE A 435 11.54 -20.99 -12.38
N ASN A 436 12.17 -21.89 -11.61
N ASN A 436 12.17 -21.89 -11.61
CA ASN A 436 11.81 -23.29 -11.77
CA ASN A 436 11.82 -23.30 -11.76
C ASN A 436 10.41 -23.61 -11.24
C ASN A 436 10.37 -23.57 -11.39
N SER A 437 9.74 -22.66 -10.57
N SER A 437 9.75 -22.72 -10.57
CA SER A 437 8.38 -22.85 -10.11
CA SER A 437 8.37 -22.91 -10.12
C SER A 437 7.33 -22.27 -11.04
C SER A 437 7.37 -22.14 -10.98
N ALA A 438 7.76 -21.70 -12.18
CA ALA A 438 6.85 -20.92 -13.00
C ALA A 438 5.76 -21.75 -13.65
N THR A 439 4.57 -21.17 -13.68
CA THR A 439 3.40 -21.69 -14.37
C THR A 439 2.77 -20.55 -15.17
N ALA A 440 1.83 -20.90 -16.05
CA ALA A 440 1.08 -19.88 -16.77
C ALA A 440 0.39 -18.93 -15.81
N GLU A 441 -0.07 -19.46 -14.68
CA GLU A 441 -0.80 -18.65 -13.72
C GLU A 441 0.10 -17.65 -13.00
N ASN A 442 1.31 -18.05 -12.59
CA ASN A 442 2.11 -17.19 -11.72
C ASN A 442 3.29 -16.48 -12.39
N SER A 443 3.50 -16.65 -13.69
N SER A 443 3.49 -16.65 -13.70
CA SER A 443 4.74 -16.18 -14.32
CA SER A 443 4.75 -16.19 -14.31
C SER A 443 4.93 -14.67 -14.18
C SER A 443 4.93 -14.67 -14.18
N MET A 444 3.85 -13.90 -14.35
CA MET A 444 3.97 -12.44 -14.22
C MET A 444 4.41 -12.05 -12.82
N PHE A 445 3.79 -12.67 -11.80
CA PHE A 445 4.16 -12.42 -10.42
C PHE A 445 5.64 -12.73 -10.17
N LEU A 446 6.11 -13.90 -10.66
CA LEU A 446 7.51 -14.25 -10.50
CA LEU A 446 7.52 -14.26 -10.51
C LEU A 446 8.42 -13.20 -11.10
N THR A 447 8.10 -12.74 -12.32
CA THR A 447 8.91 -11.71 -12.95
CA THR A 447 8.94 -11.73 -12.93
C THR A 447 8.89 -10.41 -12.15
N LYS A 448 7.75 -10.09 -11.54
CA LYS A 448 7.69 -8.85 -10.76
C LYS A 448 8.45 -8.92 -9.43
N ILE A 449 8.55 -10.11 -8.81
CA ILE A 449 9.28 -10.21 -7.54
C ILE A 449 10.73 -10.64 -7.71
N ALA A 450 11.15 -10.98 -8.93
CA ALA A 450 12.55 -11.32 -9.14
C ALA A 450 13.52 -10.22 -8.71
N PRO A 451 13.24 -8.91 -8.88
CA PRO A 451 14.19 -7.87 -8.45
C PRO A 451 14.00 -7.37 -7.03
N TYR A 452 13.36 -8.18 -6.20
CA TYR A 452 13.05 -7.81 -4.81
C TYR A 452 14.23 -7.19 -4.07
N LEU A 453 15.41 -7.81 -4.13
CA LEU A 453 16.51 -7.33 -3.31
C LEU A 453 16.98 -5.94 -3.69
N GLN A 454 16.74 -5.47 -4.92
CA GLN A 454 17.22 -4.16 -5.29
C GLN A 454 16.13 -3.09 -5.22
N VAL A 455 14.97 -3.43 -4.65
CA VAL A 455 13.90 -2.44 -4.48
C VAL A 455 14.42 -1.30 -3.63
N GLY A 456 14.27 -0.09 -4.16
CA GLY A 456 14.70 1.11 -3.48
C GLY A 456 16.10 1.56 -3.86
N PHE A 457 16.85 0.73 -4.56
CA PHE A 457 18.25 0.96 -4.84
C PHE A 457 18.58 0.98 -6.32
N MET A 458 17.72 0.43 -7.16
CA MET A 458 17.92 0.38 -8.59
C MET A 458 16.63 0.79 -9.28
N PRO A 459 16.75 1.38 -10.45
CA PRO A 459 15.57 1.82 -11.19
C PRO A 459 14.73 0.61 -11.66
N GLU A 460 13.42 0.75 -11.83
CA GLU A 460 12.54 -0.30 -12.23
C GLU A 460 12.39 -1.55 -11.32
N ALA A 461 12.79 -1.51 -10.05
CA ALA A 461 12.62 -2.65 -9.11
C ALA A 461 11.34 -2.23 -8.38
N ARG A 462 10.22 -2.79 -8.73
CA ARG A 462 8.96 -2.44 -8.12
C ARG A 462 8.18 -3.59 -7.51
N SER A 463 8.88 -4.56 -6.93
CA SER A 463 8.28 -5.74 -6.37
C SER A 463 7.25 -5.48 -5.24
N THR A 464 7.39 -4.41 -4.47
CA THR A 464 6.49 -4.06 -3.40
C THR A 464 5.05 -3.98 -3.84
N ILE A 465 4.75 -3.50 -5.03
CA ILE A 465 3.44 -3.46 -5.54
C ILE A 465 2.80 -4.86 -5.53
N SER A 466 3.52 -5.89 -5.94
CA SER A 466 3.03 -7.23 -5.92
C SER A 466 3.14 -8.02 -4.60
N LEU A 467 3.75 -7.50 -3.54
CA LEU A 467 3.88 -8.20 -2.32
C LEU A 467 2.99 -7.56 -1.25
N SER A 468 3.28 -6.35 -0.84
CA SER A 468 2.52 -5.66 0.17
C SER A 468 1.67 -4.48 -0.30
N GLY A 469 1.77 -4.04 -1.56
CA GLY A 469 1.07 -2.91 -2.03
C GLY A 469 -0.14 -3.14 -2.87
N PRO A 470 -0.39 -2.22 -3.81
CA PRO A 470 -1.64 -2.28 -4.56
C PRO A 470 -1.98 -3.58 -5.25
N GLY A 471 -1.02 -4.29 -5.77
CA GLY A 471 -1.33 -5.52 -6.41
C GLY A 471 -1.99 -6.53 -5.49
N ALA A 472 -1.57 -6.64 -4.26
CA ALA A 472 -2.25 -7.52 -3.34
C ALA A 472 -3.71 -7.11 -3.09
N TYR A 473 -3.98 -5.83 -2.95
CA TYR A 473 -5.34 -5.37 -2.82
C TYR A 473 -6.17 -5.69 -4.07
N ALA A 474 -5.62 -5.46 -5.25
CA ALA A 474 -6.30 -5.71 -6.49
C ALA A 474 -6.65 -7.18 -6.68
N SER A 475 -5.78 -8.08 -6.29
CA SER A 475 -6.10 -9.50 -6.39
C SER A 475 -7.10 -9.91 -5.31
N ALA A 476 -7.01 -9.30 -4.11
CA ALA A 476 -8.04 -9.57 -3.11
C ALA A 476 -9.41 -9.09 -3.57
N TYR A 477 -9.48 -7.95 -4.24
CA TYR A 477 -10.77 -7.53 -4.82
C TYR A 477 -11.28 -8.55 -5.82
N TYR A 478 -10.38 -9.08 -6.65
CA TYR A 478 -10.80 -10.15 -7.57
C TYR A 478 -11.38 -11.34 -6.82
N ASP A 479 -10.65 -11.80 -5.79
CA ASP A 479 -11.13 -12.87 -4.89
C ASP A 479 -12.54 -12.58 -4.42
N PHE A 480 -12.76 -11.37 -3.90
CA PHE A 480 -14.02 -11.04 -3.26
C PHE A 480 -15.16 -11.01 -4.28
N ILE A 481 -14.97 -10.27 -5.37
CA ILE A 481 -15.99 -10.13 -6.41
C ILE A 481 -16.34 -11.48 -7.02
N ASN A 482 -15.33 -12.31 -7.30
CA ASN A 482 -15.57 -13.55 -8.01
C ASN A 482 -15.68 -14.78 -7.09
N LEU A 483 -15.78 -14.56 -5.78
CA LEU A 483 -15.95 -15.64 -4.80
C LEU A 483 -14.85 -16.71 -4.95
N GLN A 484 -13.61 -16.22 -5.07
CA GLN A 484 -12.41 -17.04 -5.23
C GLN A 484 -11.49 -16.76 -4.04
N GLU A 485 -10.43 -17.56 -3.92
CA GLU A 485 -9.35 -17.25 -2.97
C GLU A 485 -8.01 -17.50 -3.64
N ASN A 486 -6.99 -16.83 -3.12
CA ASN A 486 -5.59 -17.01 -3.53
C ASN A 486 -5.36 -16.66 -5.00
N THR A 487 -6.11 -15.70 -5.52
CA THR A 487 -5.84 -15.19 -6.86
C THR A 487 -4.44 -14.58 -6.95
N ILE A 488 -3.69 -15.00 -7.98
CA ILE A 488 -2.33 -14.49 -8.20
CA ILE A 488 -2.33 -14.49 -8.20
C ILE A 488 -2.20 -13.93 -9.61
N GLU A 489 -2.91 -14.51 -10.57
CA GLU A 489 -2.77 -14.09 -11.97
C GLU A 489 -3.53 -12.80 -12.28
N LYS A 490 -4.67 -12.60 -11.66
CA LYS A 490 -5.61 -11.57 -12.08
C LYS A 490 -5.72 -10.47 -11.03
N THR A 491 -5.97 -9.26 -11.52
CA THR A 491 -6.26 -8.10 -10.67
C THR A 491 -7.48 -7.37 -11.19
N LEU A 492 -8.23 -6.74 -10.28
CA LEU A 492 -9.26 -5.81 -10.70
C LEU A 492 -8.70 -4.40 -10.69
N LYS A 493 -9.20 -3.59 -11.62
CA LYS A 493 -8.73 -2.23 -11.87
C LYS A 493 -9.75 -1.21 -11.33
N ALA A 494 -9.34 0.06 -11.34
CA ALA A 494 -10.21 1.11 -10.83
C ALA A 494 -11.57 1.11 -11.53
N SER A 495 -11.57 0.85 -12.85
CA SER A 495 -12.82 0.87 -13.60
C SER A 495 -13.74 -0.27 -13.18
N ASP A 496 -13.20 -1.31 -12.54
CA ASP A 496 -13.97 -2.44 -12.02
C ASP A 496 -14.53 -2.20 -10.62
N LEU A 497 -14.09 -1.16 -9.91
CA LEU A 497 -14.24 -1.09 -8.45
C LEU A 497 -14.93 0.19 -7.99
N ILE A 498 -15.84 0.75 -8.81
CA ILE A 498 -16.53 1.97 -8.41
CA ILE A 498 -16.53 1.97 -8.41
C ILE A 498 -17.25 1.77 -7.09
N GLU A 499 -17.77 0.57 -6.83
CA GLU A 499 -18.47 0.30 -5.58
C GLU A 499 -17.56 0.32 -4.36
N PHE A 500 -16.24 0.37 -4.57
CA PHE A 500 -15.29 0.35 -3.47
C PHE A 500 -14.41 1.60 -3.44
N LYS A 501 -14.73 2.65 -4.21
CA LYS A 501 -13.87 3.82 -4.25
C LYS A 501 -13.96 4.59 -2.93
N PHE A 502 -12.80 5.05 -2.45
CA PHE A 502 -12.76 6.04 -1.39
C PHE A 502 -13.55 7.27 -1.87
N PRO A 503 -14.60 7.69 -1.19
CA PRO A 503 -15.50 8.71 -1.78
C PRO A 503 -14.72 9.94 -2.22
N GLU A 504 -14.90 10.32 -3.49
CA GLU A 504 -14.07 11.35 -4.11
C GLU A 504 -14.09 12.64 -3.31
N ASN A 505 -15.23 13.00 -2.73
CA ASN A 505 -15.37 14.25 -2.00
CA ASN A 505 -15.36 14.26 -2.00
C ASN A 505 -14.62 14.25 -0.66
N ASN A 506 -14.13 13.10 -0.21
CA ASN A 506 -13.49 12.98 1.09
C ASN A 506 -11.96 12.95 1.03
N LEU A 507 -11.35 13.32 -0.10
CA LEU A 507 -9.92 13.12 -0.23
C LEU A 507 -9.34 14.02 -1.32
N SER A 508 -8.19 14.62 -1.03
CA SER A 508 -7.40 15.35 -2.02
C SER A 508 -6.05 14.63 -2.14
N GLN A 509 -5.86 13.91 -3.25
CA GLN A 509 -4.62 13.17 -3.46
C GLN A 509 -3.54 14.02 -4.12
N LEU A 510 -3.92 15.06 -4.85
CA LEU A 510 -2.98 15.80 -5.70
C LEU A 510 -2.34 16.96 -4.94
N THR A 511 -1.73 16.60 -3.82
CA THR A 511 -1.04 17.53 -2.94
C THR A 511 0.41 17.70 -3.38
N GLU A 512 1.04 18.76 -2.91
CA GLU A 512 2.44 18.99 -3.24
C GLU A 512 3.31 17.84 -2.77
N GLN A 513 3.05 17.31 -1.58
CA GLN A 513 3.88 16.25 -1.02
C GLN A 513 3.70 14.94 -1.79
N GLU A 514 2.47 14.64 -2.19
CA GLU A 514 2.23 13.42 -2.95
C GLU A 514 2.93 13.47 -4.30
N ILE A 515 2.78 14.60 -5.00
CA ILE A 515 3.47 14.76 -6.28
C ILE A 515 4.98 14.66 -6.08
N ASN A 516 5.47 15.12 -4.93
CA ASN A 516 6.90 14.98 -4.64
C ASN A 516 7.31 13.50 -4.54
N SER A 517 6.48 12.68 -3.89
CA SER A 517 6.73 11.25 -3.75
C SER A 517 6.73 10.43 -5.06
N LEU A 518 5.82 10.75 -5.97
CA LEU A 518 5.65 10.01 -7.21
C LEU A 518 6.89 10.03 -8.09
N TRP A 519 7.84 10.91 -7.80
CA TRP A 519 9.02 11.00 -8.59
C TRP A 519 9.62 9.62 -8.29
N SER A 520 9.30 8.64 -9.12
CA SER A 520 9.75 7.27 -8.91
CA SER A 520 9.83 7.24 -8.97
C SER A 520 11.19 7.03 -9.34
N PHE A 521 11.48 5.75 -9.58
CA PHE A 521 12.81 5.33 -9.98
C PHE A 521 12.69 4.70 -11.35
N ASP A 522 12.38 5.52 -12.33
CA ASP A 522 12.37 5.06 -13.69
C ASP A 522 13.74 5.47 -14.30
N GLN A 523 13.96 5.16 -15.55
CA GLN A 523 15.19 5.58 -16.18
C GLN A 523 15.39 7.08 -16.18
N ALA A 524 14.32 7.86 -16.33
CA ALA A 524 14.50 9.32 -16.30
C ALA A 524 15.01 9.87 -14.96
N SER A 525 14.46 9.42 -13.84
CA SER A 525 14.90 9.87 -12.49
C SER A 525 16.33 9.43 -12.20
N ALA A 526 16.60 8.19 -12.59
CA ALA A 526 17.86 7.52 -12.47
C ALA A 526 18.97 8.31 -13.17
N LYS A 527 18.73 8.79 -14.37
CA LYS A 527 19.71 9.61 -15.06
C LYS A 527 19.97 10.87 -14.27
N TYR A 528 18.97 11.54 -13.79
CA TYR A 528 19.17 12.72 -13.03
C TYR A 528 19.91 12.54 -11.73
N GLN A 529 19.57 11.54 -10.95
CA GLN A 529 20.30 11.29 -9.75
C GLN A 529 21.75 10.94 -10.07
N PHE A 530 22.00 10.12 -11.07
CA PHE A 530 23.35 9.79 -11.41
C PHE A 530 24.15 11.03 -11.78
N GLU A 531 23.59 11.91 -12.58
CA GLU A 531 24.31 13.12 -12.93
C GLU A 531 24.62 13.93 -11.71
N LYS A 532 23.71 14.11 -10.77
CA LYS A 532 24.07 14.81 -9.57
C LYS A 532 25.17 14.11 -8.79
N TYR A 533 25.15 12.79 -8.69
CA TYR A 533 26.22 12.10 -7.99
C TYR A 533 27.57 12.40 -8.66
N VAL A 534 27.64 12.35 -9.98
CA VAL A 534 28.86 12.66 -10.67
C VAL A 534 29.27 14.10 -10.44
N ARG A 535 28.27 14.98 -10.43
CA ARG A 535 28.49 16.41 -10.20
C ARG A 535 29.06 16.68 -8.81
N ASP A 536 28.63 15.92 -7.81
CA ASP A 536 29.09 16.17 -6.45
C ASP A 536 30.44 15.50 -6.21
N TYR A 537 30.59 14.28 -6.71
CA TYR A 537 31.84 13.55 -6.55
C TYR A 537 33.05 14.40 -6.90
N THR A 538 32.96 15.17 -7.99
CA THR A 538 34.04 16.06 -8.39
C THR A 538 33.79 17.49 -7.91
C1 U2F B . 3.22 4.10 -2.45
O1 U2F B . 3.99 4.91 -1.72
PB U2F B . 4.74 6.23 -2.18
O1B U2F B . 5.51 5.95 -3.35
O2B U2F B . 3.83 7.35 -2.35
O3A U2F B . 5.82 6.56 -1.04
PA U2F B . 5.56 7.50 0.25
O1A U2F B . 6.78 8.29 0.40
O2A U2F B . 4.34 8.29 -0.04
O5' U2F B . 5.45 6.65 1.65
C5' U2F B . 4.19 6.15 2.04
C4' U2F B . 4.05 5.76 3.39
O4' U2F B . 5.22 4.89 3.80
C1' U2F B . 5.50 5.14 5.06
C2' U2F B . 4.49 6.31 5.51
C3' U2F B . 4.11 6.93 4.39
O3' U2F B . 2.83 7.71 4.47
O2' U2F B . 3.50 5.58 6.20
N1 U2F B . 6.83 5.57 5.27
C6' U2F B . 7.42 5.65 6.59
O6' U2F B . 6.84 5.36 7.54
N3 U2F B . 8.78 6.12 6.77
C7' U2F B . 9.58 6.50 5.65
O7' U2F B . 10.67 6.86 5.79
C8' U2F B . 8.98 6.41 4.32
C9' U2F B . 7.61 5.95 4.14
C2 U2F B . 1.83 4.11 -1.85
F1 U2F B . 1.31 5.31 -2.09
C3 U2F B . 1.97 3.88 -0.40
O3 U2F B . 0.72 4.04 0.20
C4 U2F B . 2.59 2.51 -0.16
O4 U2F B . 3.02 2.31 1.16
C5 U2F B . 3.87 2.29 -0.93
C6 U2F B . 4.25 0.86 -0.81
O6 U2F B . 3.41 -0.01 -1.50
O5 U2F B . 3.77 2.74 -2.33
H1 U2F B . 3.18 4.38 -3.38
H5'1 U2F B . 4.00 5.38 1.49
H5'2 U2F B . 3.52 6.83 1.85
H4' U2F B . 3.23 5.27 3.51
H1' U2F B . 5.34 4.35 5.60
H2' U2F B . 4.93 6.92 6.10
H3' U2F B . 4.83 7.54 4.12
HB U2F B . 2.72 8.14 3.74
HA U2F B . 3.32 5.96 6.93
H3 U2F B . 9.14 6.15 7.57
H8' U2F B . 9.48 6.65 3.58
H9' U2F B . 7.25 5.91 3.28
H2 U2F B . 1.29 3.42 -2.25
HC U2F B . 2.56 4.56 -0.03
HD U2F B . 0.11 3.78 -0.33
H4 U2F B . 1.94 1.82 -0.39
HE U2F B . 3.43 3.01 1.44
H5 U2F B . 4.57 2.81 -0.51
H6C1 U2F B . 4.23 0.62 0.13
H6C2 U2F B . 5.14 0.75 -1.14
H6 U2F B . 3.87 -0.53 -1.98
MN MN C . 2.89 9.33 -1.58
#